data_7DY7
#
_entry.id   7DY7
#
_cell.length_a   134.570
_cell.length_b   32.682
_cell.length_c   73.603
_cell.angle_alpha   90.000
_cell.angle_beta   103.960
_cell.angle_gamma   90.000
#
_symmetry.space_group_name_H-M   'C 1 2 1'
#
loop_
_entity.id
_entity.type
_entity.pdbx_description
1 polymer 'Programmed cell death 1 ligand 1'
2 non-polymer 2-[[3-[[5-(2-methyl-3-phenyl-phenyl)-1,3,4-oxadiazol-2-yl]amino]phenyl]methylamino]ethanol
3 water water
#
_entity_poly.entity_id   1
_entity_poly.type   'polypeptide(L)'
_entity_poly.pdbx_seq_one_letter_code
;AFTVTVPKDLYVVEYGSNMTIECKFPVEKQLDLAALIVYWEMEDKNIIQFVHGEEDLKVQHSSYRQRARLLKDQLSLGNA
ALQITDVKLQDAGVYRCMISYGGADYKRITVKVNAPYAAALEHHHH
;
_entity_poly.pdbx_strand_id   B,A
#
# COMPACT_ATOMS: atom_id res chain seq x y z
N ALA A 1 9.81 9.70 -13.82
CA ALA A 1 9.62 8.63 -12.84
C ALA A 1 9.26 9.18 -11.45
N PHE A 2 7.97 9.21 -11.12
CA PHE A 2 7.52 9.81 -9.87
C PHE A 2 7.79 8.89 -8.70
N THR A 3 8.59 9.38 -7.77
CA THR A 3 9.05 8.57 -6.65
C THR A 3 8.76 9.26 -5.33
N VAL A 4 8.32 8.45 -4.38
CA VAL A 4 8.19 8.81 -2.97
C VAL A 4 9.43 8.28 -2.25
N THR A 5 10.01 9.13 -1.40
CA THR A 5 11.24 8.78 -0.69
C THR A 5 11.03 9.09 0.77
N VAL A 6 11.69 8.31 1.62
CA VAL A 6 11.57 8.46 3.05
C VAL A 6 12.97 8.70 3.60
N PRO A 7 13.23 9.82 4.25
CA PRO A 7 14.55 10.03 4.86
C PRO A 7 14.95 8.87 5.76
N LYS A 8 14.12 8.55 6.76
CA LYS A 8 14.35 7.41 7.64
C LYS A 8 13.24 6.40 7.39
N ASP A 9 13.61 5.14 7.20
CA ASP A 9 12.63 4.06 7.08
C ASP A 9 12.35 3.38 8.41
N LEU A 10 13.03 3.77 9.48
CA LEU A 10 12.81 3.19 10.80
C LEU A 10 12.92 4.29 11.83
N TYR A 11 11.88 4.46 12.64
CA TYR A 11 11.90 5.39 13.77
C TYR A 11 11.79 4.60 15.06
N VAL A 12 12.61 4.99 16.03
CA VAL A 12 12.56 4.50 17.40
C VAL A 12 12.07 5.63 18.30
N VAL A 13 10.94 5.42 18.97
CA VAL A 13 10.29 6.47 19.76
C VAL A 13 10.04 5.98 21.18
N GLU A 14 10.02 6.92 22.12
CA GLU A 14 9.73 6.61 23.51
C GLU A 14 8.24 6.72 23.79
N TYR A 15 7.72 5.79 24.57
CA TYR A 15 6.32 5.79 24.93
C TYR A 15 5.91 7.17 25.47
N GLY A 16 4.77 7.66 25.02
CA GLY A 16 4.30 8.95 25.46
C GLY A 16 4.95 10.14 24.81
N SER A 17 5.98 9.95 23.99
CA SER A 17 6.56 11.08 23.29
C SER A 17 5.75 11.40 22.03
N ASN A 18 6.16 12.43 21.32
CA ASN A 18 5.53 12.81 20.07
C ASN A 18 6.40 12.37 18.90
N MET A 19 5.75 11.95 17.83
CA MET A 19 6.45 11.37 16.70
C MET A 19 6.05 12.07 15.42
N THR A 20 7.02 12.31 14.56
CA THR A 20 6.75 12.83 13.23
C THR A 20 7.45 11.91 12.24
N ILE A 21 6.71 11.37 11.27
CA ILE A 21 7.27 10.49 10.26
C ILE A 21 7.06 11.13 8.90
N GLU A 22 8.15 11.20 8.14
CA GLU A 22 8.22 11.98 6.91
C GLU A 22 8.12 11.11 5.68
N CYS A 23 7.54 11.67 4.62
CA CYS A 23 7.58 11.10 3.29
C CYS A 23 7.77 12.25 2.34
N LYS A 24 8.79 12.19 1.53
CA LYS A 24 9.09 13.29 0.62
C LYS A 24 8.67 12.89 -0.79
N PHE A 25 8.14 13.86 -1.52
CA PHE A 25 7.77 13.68 -2.91
C PHE A 25 8.12 14.94 -3.69
N PRO A 26 8.40 14.80 -4.98
CA PRO A 26 8.86 15.96 -5.74
C PRO A 26 7.70 16.88 -6.08
N VAL A 27 7.91 18.18 -5.90
CA VAL A 27 6.90 19.18 -6.18
C VAL A 27 7.53 20.23 -7.10
N GLU A 28 7.01 20.35 -8.32
CA GLU A 28 7.46 21.36 -9.27
C GLU A 28 6.65 22.65 -9.13
N LYS A 29 7.34 23.78 -9.20
CA LYS A 29 6.73 25.10 -9.22
C LYS A 29 5.91 25.27 -7.95
N GLN A 30 4.61 25.53 -8.03
CA GLN A 30 3.76 25.68 -6.88
C GLN A 30 2.91 24.42 -6.71
N LEU A 31 2.62 24.10 -5.46
CA LEU A 31 1.88 22.87 -5.19
C LEU A 31 0.43 23.04 -5.60
N ASP A 32 -0.10 22.02 -6.26
CA ASP A 32 -1.49 22.02 -6.73
C ASP A 32 -2.29 21.07 -5.84
N LEU A 33 -2.86 21.62 -4.76
CA LEU A 33 -3.56 20.77 -3.81
C LEU A 33 -4.65 19.96 -4.47
N ALA A 34 -5.23 20.47 -5.56
CA ALA A 34 -6.35 19.80 -6.20
C ALA A 34 -5.96 18.42 -6.72
N ALA A 35 -4.72 18.26 -7.15
CA ALA A 35 -4.23 17.03 -7.76
C ALA A 35 -3.49 16.16 -6.76
N LEU A 36 -3.50 16.52 -5.49
CA LEU A 36 -2.70 15.85 -4.46
C LEU A 36 -3.60 14.94 -3.64
N ILE A 37 -3.17 13.68 -3.50
CA ILE A 37 -3.78 12.72 -2.58
C ILE A 37 -2.67 12.19 -1.70
N VAL A 38 -2.82 12.34 -0.39
CA VAL A 38 -1.88 11.81 0.58
C VAL A 38 -2.68 10.89 1.47
N TYR A 39 -2.26 9.63 1.56
CA TYR A 39 -2.93 8.64 2.40
C TYR A 39 -1.91 7.99 3.31
N TRP A 40 -2.22 7.93 4.59
CA TRP A 40 -1.39 7.23 5.57
C TRP A 40 -2.20 6.10 6.17
N GLU A 41 -1.66 4.91 6.13
CA GLU A 41 -2.29 3.80 6.79
C GLU A 41 -1.26 3.09 7.65
N MET A 42 -1.77 2.30 8.58
CA MET A 42 -0.92 1.56 9.50
C MET A 42 -1.59 0.23 9.71
N GLU A 43 -1.09 -0.80 9.02
CA GLU A 43 -1.61 -2.16 9.14
C GLU A 43 -3.13 -2.20 9.07
N ASP A 44 -3.66 -1.78 7.92
CA ASP A 44 -5.09 -1.84 7.61
C ASP A 44 -5.93 -0.94 8.52
N LYS A 45 -5.36 0.15 9.03
CA LYS A 45 -6.12 1.21 9.69
C LYS A 45 -5.81 2.51 8.97
N ASN A 46 -6.85 3.17 8.46
CA ASN A 46 -6.64 4.47 7.85
C ASN A 46 -6.27 5.47 8.93
N ILE A 47 -5.18 6.20 8.73
CA ILE A 47 -4.78 7.23 9.69
C ILE A 47 -5.22 8.61 9.23
N ILE A 48 -4.87 8.99 8.00
CA ILE A 48 -5.36 10.23 7.42
C ILE A 48 -5.50 10.02 5.93
N GLN A 49 -6.45 10.75 5.33
CA GLN A 49 -6.67 10.79 3.90
C GLN A 49 -6.82 12.24 3.52
N PHE A 50 -5.85 12.77 2.79
CA PHE A 50 -5.83 14.16 2.37
C PHE A 50 -6.06 14.20 0.87
N VAL A 51 -7.25 14.64 0.47
CA VAL A 51 -7.64 14.71 -0.93
C VAL A 51 -8.40 16.00 -1.18
N HIS A 52 -8.32 16.50 -2.40
CA HIS A 52 -9.03 17.72 -2.76
C HIS A 52 -8.63 18.91 -1.88
N GLY A 53 -7.41 18.92 -1.36
CA GLY A 53 -7.04 20.02 -0.50
C GLY A 53 -7.39 19.87 0.96
N GLU A 54 -8.21 18.91 1.33
CA GLU A 54 -8.66 18.78 2.71
C GLU A 54 -8.62 17.34 3.17
N GLU A 55 -8.49 17.15 4.48
CA GLU A 55 -8.51 15.82 5.05
C GLU A 55 -9.93 15.30 5.10
N ASP A 56 -10.09 14.00 4.93
CA ASP A 56 -11.41 13.39 5.02
C ASP A 56 -11.50 12.71 6.38
N LEU A 57 -12.42 13.17 7.21
CA LEU A 57 -12.58 12.57 8.51
C LEU A 57 -13.56 11.41 8.47
N LYS A 58 -14.34 11.30 7.39
CA LYS A 58 -15.35 10.26 7.31
C LYS A 58 -14.74 8.87 7.44
N VAL A 59 -13.48 8.70 7.07
CA VAL A 59 -12.85 7.39 7.06
C VAL A 59 -11.73 7.27 8.07
N GLN A 60 -11.39 8.34 8.77
CA GLN A 60 -10.31 8.25 9.72
C GLN A 60 -10.71 7.29 10.84
N HIS A 61 -9.84 6.34 11.14
CA HIS A 61 -10.06 5.41 12.24
C HIS A 61 -10.13 6.18 13.55
N SER A 62 -11.10 5.83 14.39
CA SER A 62 -11.36 6.63 15.60
C SER A 62 -10.18 6.63 16.56
N SER A 63 -9.36 5.58 16.53
CA SER A 63 -8.19 5.51 17.40
C SER A 63 -7.21 6.66 17.16
N TYR A 64 -7.31 7.35 16.02
CA TYR A 64 -6.39 8.41 15.67
C TYR A 64 -7.06 9.77 15.69
N ARG A 65 -8.31 9.83 16.12
CA ARG A 65 -8.99 11.10 16.23
C ARG A 65 -8.22 11.99 17.20
N GLN A 66 -7.89 13.20 16.75
CA GLN A 66 -7.32 14.20 17.65
C GLN A 66 -6.02 13.74 18.29
N ARG A 67 -5.30 12.85 17.62
CA ARG A 67 -3.93 12.54 18.01
C ARG A 67 -3.06 12.29 16.79
N ALA A 68 -3.64 12.24 15.59
CA ALA A 68 -2.89 12.09 14.36
C ALA A 68 -3.29 13.21 13.43
N ARG A 69 -2.29 13.93 12.92
CA ARG A 69 -2.52 15.00 11.98
C ARG A 69 -1.41 15.04 10.94
N LEU A 70 -1.80 15.45 9.73
CA LEU A 70 -0.88 15.73 8.65
C LEU A 70 -0.46 17.19 8.73
N LEU A 71 0.85 17.44 8.68
CA LEU A 71 1.32 18.82 8.75
C LEU A 71 1.07 19.48 7.39
N LYS A 72 -0.20 19.84 7.16
CA LYS A 72 -0.60 20.37 5.86
C LYS A 72 0.36 21.45 5.37
N ASP A 73 0.89 22.28 6.27
CA ASP A 73 1.79 23.35 5.85
C ASP A 73 2.99 22.80 5.10
N GLN A 74 3.52 21.64 5.52
CA GLN A 74 4.76 21.16 4.90
C GLN A 74 4.55 20.57 3.50
N LEU A 75 3.31 20.32 3.10
CA LEU A 75 3.05 19.75 1.77
C LEU A 75 3.62 20.62 0.65
N SER A 76 3.66 21.94 0.86
CA SER A 76 4.15 22.81 -0.21
C SER A 76 5.62 22.54 -0.50
N LEU A 77 6.38 22.07 0.49
CA LEU A 77 7.77 21.68 0.28
C LEU A 77 7.93 20.24 -0.20
N GLY A 78 6.84 19.60 -0.62
CA GLY A 78 6.92 18.19 -1.00
C GLY A 78 7.14 17.25 0.16
N ASN A 79 6.69 17.62 1.35
CA ASN A 79 6.95 16.86 2.56
C ASN A 79 5.61 16.43 3.14
N ALA A 80 5.33 15.13 3.11
CA ALA A 80 4.11 14.55 3.67
C ALA A 80 4.47 13.99 5.04
N ALA A 81 4.24 14.78 6.07
CA ALA A 81 4.61 14.47 7.43
C ALA A 81 3.38 14.10 8.24
N LEU A 82 3.44 12.96 8.91
CA LEU A 82 2.39 12.53 9.81
C LEU A 82 2.89 12.69 11.22
N GLN A 83 2.13 13.40 12.05
CA GLN A 83 2.50 13.61 13.43
C GLN A 83 1.46 12.89 14.29
N ILE A 84 1.93 11.96 15.12
CA ILE A 84 1.13 11.29 16.13
C ILE A 84 1.64 11.70 17.50
N THR A 85 0.75 12.30 18.30
CA THR A 85 1.06 12.70 19.66
C THR A 85 0.68 11.60 20.65
N ASP A 86 1.42 11.54 21.76
CA ASP A 86 1.21 10.57 22.84
C ASP A 86 1.36 9.14 22.32
N VAL A 87 2.58 8.85 21.85
CA VAL A 87 2.85 7.56 21.25
C VAL A 87 2.63 6.43 22.26
N LYS A 88 1.95 5.39 21.80
CA LYS A 88 1.68 4.23 22.63
C LYS A 88 2.30 2.99 22.00
N LEU A 89 2.46 1.95 22.81
CA LEU A 89 2.98 0.69 22.29
C LEU A 89 2.18 0.19 21.09
N GLN A 90 0.87 0.45 21.07
CA GLN A 90 0.03 0.05 19.95
C GLN A 90 0.36 0.81 18.66
N ASP A 91 1.13 1.89 18.74
CA ASP A 91 1.55 2.58 17.52
C ASP A 91 2.80 1.97 16.87
N ALA A 92 3.47 1.01 17.50
CA ALA A 92 4.56 0.30 16.85
C ALA A 92 4.02 -0.54 15.70
N GLY A 93 4.72 -0.53 14.58
CA GLY A 93 4.30 -1.30 13.44
C GLY A 93 4.72 -0.63 12.14
N VAL A 94 4.10 -1.07 11.06
CA VAL A 94 4.49 -0.68 9.71
C VAL A 94 3.52 0.34 9.18
N TYR A 95 4.02 1.53 8.89
CA TYR A 95 3.22 2.59 8.33
C TYR A 95 3.48 2.66 6.85
N ARG A 96 2.50 3.14 6.12
CA ARG A 96 2.60 3.31 4.69
C ARG A 96 2.08 4.69 4.36
N CYS A 97 2.87 5.44 3.64
CA CYS A 97 2.49 6.72 3.09
C CYS A 97 2.34 6.50 1.60
N MET A 98 1.13 6.68 1.11
CA MET A 98 0.84 6.56 -0.31
C MET A 98 0.51 7.93 -0.84
N ILE A 99 1.16 8.34 -1.92
CA ILE A 99 1.01 9.68 -2.48
C ILE A 99 0.64 9.61 -3.95
N SER A 100 -0.30 10.45 -4.37
CA SER A 100 -0.71 10.55 -5.78
C SER A 100 -0.70 12.01 -6.18
N TYR A 101 0.34 12.41 -6.91
CA TYR A 101 0.52 13.79 -7.37
C TYR A 101 1.22 13.67 -8.73
N GLY A 102 0.44 13.58 -9.80
CA GLY A 102 1.00 13.32 -11.11
C GLY A 102 1.15 11.82 -11.28
N GLY A 103 2.23 11.27 -10.74
CA GLY A 103 2.37 9.84 -10.60
C GLY A 103 1.77 9.35 -9.29
N ALA A 104 2.15 8.13 -8.93
CA ALA A 104 1.72 7.55 -7.67
C ALA A 104 2.84 6.65 -7.20
N ASP A 105 3.07 6.62 -5.90
CA ASP A 105 4.08 5.76 -5.32
C ASP A 105 3.78 5.61 -3.85
N TYR A 106 4.55 4.77 -3.18
CA TYR A 106 4.28 4.62 -1.77
C TYR A 106 5.53 4.08 -1.12
N LYS A 107 5.64 4.32 0.18
CA LYS A 107 6.75 3.78 0.95
C LYS A 107 6.25 3.25 2.28
N ARG A 108 7.00 2.31 2.83
CA ARG A 108 6.74 1.76 4.15
C ARG A 108 7.77 2.31 5.13
N ILE A 109 7.31 2.62 6.33
CA ILE A 109 8.15 3.05 7.43
C ILE A 109 7.84 2.16 8.62
N THR A 110 8.86 1.78 9.36
CA THR A 110 8.67 0.97 10.55
C THR A 110 8.88 1.84 11.78
N VAL A 111 8.03 1.63 12.79
CA VAL A 111 8.08 2.37 14.05
C VAL A 111 8.23 1.36 15.20
N LYS A 112 9.23 1.59 16.04
CA LYS A 112 9.42 0.81 17.25
C LYS A 112 9.22 1.72 18.46
N VAL A 113 8.58 1.18 19.48
CA VAL A 113 8.27 1.95 20.68
C VAL A 113 8.95 1.31 21.88
N ASN A 114 9.89 2.04 22.46
CA ASN A 114 10.44 1.71 23.77
C ASN A 114 9.49 2.21 24.85
N ALA A 115 9.34 1.42 25.91
CA ALA A 115 8.38 1.72 26.96
C ALA A 115 8.96 1.23 28.27
N PRO A 116 8.70 1.92 29.37
CA PRO A 116 9.09 1.38 30.68
C PRO A 116 8.17 0.23 31.07
N TYR A 117 8.61 -0.51 32.08
CA TYR A 117 7.88 -1.71 32.48
C TYR A 117 6.40 -1.43 32.68
N ALA A 118 6.07 -0.34 33.39
CA ALA A 118 4.68 -0.05 33.73
C ALA A 118 3.81 -0.01 32.49
N ALA A 119 4.16 0.86 31.53
CA ALA A 119 3.37 0.96 30.31
C ALA A 119 3.33 -0.37 29.58
N ALA A 120 4.45 -1.09 29.53
CA ALA A 120 4.45 -2.41 28.89
C ALA A 120 3.51 -3.36 29.61
N LEU A 121 3.48 -3.31 30.95
CA LEU A 121 2.60 -4.21 31.68
C LEU A 121 1.15 -4.01 31.29
N GLU A 122 0.68 -2.75 31.34
CA GLU A 122 -0.72 -2.50 30.99
C GLU A 122 -1.00 -2.94 29.56
N HIS A 123 -0.09 -2.66 28.65
CA HIS A 123 -0.27 -3.13 27.27
C HIS A 123 -0.38 -4.65 27.24
N HIS A 124 0.41 -5.34 28.08
CA HIS A 124 0.43 -6.79 28.02
C HIS A 124 -0.92 -7.38 28.43
N HIS A 125 -1.52 -6.84 29.50
CA HIS A 125 -2.81 -7.29 30.01
C HIS A 125 -3.94 -6.59 29.26
N HIS A 126 -4.19 -7.07 28.04
CA HIS A 126 -5.20 -6.46 27.18
C HIS A 126 -6.48 -7.29 27.18
N ALA B 1 -15.81 10.05 -7.22
CA ALA B 1 -15.60 9.03 -6.20
C ALA B 1 -15.02 7.76 -6.84
N PHE B 2 -13.70 7.64 -6.77
CA PHE B 2 -12.95 6.57 -7.41
C PHE B 2 -12.91 5.32 -6.53
N THR B 3 -13.44 4.21 -7.03
CA THR B 3 -13.49 2.99 -6.24
C THR B 3 -12.84 1.85 -7.02
N VAL B 4 -12.03 1.09 -6.32
CA VAL B 4 -11.52 -0.18 -6.82
C VAL B 4 -12.39 -1.26 -6.23
N THR B 5 -12.77 -2.22 -7.06
CA THR B 5 -13.60 -3.32 -6.61
C THR B 5 -12.97 -4.63 -7.05
N VAL B 6 -13.14 -5.65 -6.22
CA VAL B 6 -12.61 -6.99 -6.48
C VAL B 6 -13.80 -7.93 -6.53
N PRO B 7 -14.08 -8.57 -7.67
CA PRO B 7 -15.14 -9.58 -7.70
C PRO B 7 -15.02 -10.62 -6.59
N LYS B 8 -13.85 -11.24 -6.44
CA LYS B 8 -13.54 -12.16 -5.34
C LYS B 8 -12.49 -11.53 -4.44
N ASP B 9 -12.72 -11.56 -3.12
CA ASP B 9 -11.74 -11.15 -2.13
C ASP B 9 -10.94 -12.32 -1.58
N LEU B 10 -11.27 -13.53 -1.98
CA LEU B 10 -10.56 -14.73 -1.55
C LEU B 10 -10.49 -15.68 -2.72
N TYR B 11 -9.29 -16.10 -3.08
CA TYR B 11 -9.09 -17.15 -4.08
C TYR B 11 -8.49 -18.36 -3.40
N VAL B 12 -9.01 -19.54 -3.75
CA VAL B 12 -8.45 -20.82 -3.36
C VAL B 12 -7.90 -21.48 -4.61
N VAL B 13 -6.59 -21.72 -4.64
CA VAL B 13 -5.95 -22.27 -5.82
C VAL B 13 -5.11 -23.46 -5.43
N GLU B 14 -4.98 -24.40 -6.36
CA GLU B 14 -4.17 -25.60 -6.19
C GLU B 14 -2.73 -25.31 -6.57
N TYR B 15 -1.82 -25.89 -5.81
CA TYR B 15 -0.41 -25.78 -6.10
C TYR B 15 -0.14 -26.19 -7.55
N GLY B 16 0.73 -25.43 -8.22
CA GLY B 16 1.11 -25.71 -9.58
C GLY B 16 0.14 -25.26 -10.65
N SER B 17 -1.04 -24.79 -10.29
CA SER B 17 -1.94 -24.25 -11.29
C SER B 17 -1.59 -22.79 -11.58
N ASN B 18 -2.30 -22.21 -12.54
CA ASN B 18 -2.16 -20.82 -12.88
C ASN B 18 -3.30 -20.06 -12.21
N MET B 19 -3.00 -18.87 -11.74
CA MET B 19 -3.95 -18.07 -11.00
C MET B 19 -4.05 -16.68 -11.62
N THR B 20 -5.27 -16.17 -11.68
CA THR B 20 -5.52 -14.80 -12.08
C THR B 20 -6.47 -14.17 -11.07
N ILE B 21 -6.07 -13.05 -10.49
CA ILE B 21 -6.88 -12.35 -9.51
C ILE B 21 -7.30 -11.01 -10.11
N GLU B 22 -8.60 -10.72 -10.03
CA GLU B 22 -9.17 -9.62 -10.77
C GLU B 22 -9.18 -8.40 -9.89
N CYS B 23 -8.98 -7.24 -10.51
CA CYS B 23 -9.08 -5.96 -9.84
C CYS B 23 -9.68 -4.96 -10.81
N LYS B 24 -10.82 -4.38 -10.44
CA LYS B 24 -11.58 -3.49 -11.32
C LYS B 24 -11.46 -2.06 -10.86
N PHE B 25 -11.41 -1.14 -11.82
CA PHE B 25 -11.47 0.29 -11.58
C PHE B 25 -12.33 0.91 -12.68
N PRO B 26 -13.02 2.01 -12.38
CA PRO B 26 -13.95 2.59 -13.37
C PRO B 26 -13.19 3.35 -14.45
N VAL B 27 -13.54 3.07 -15.70
CA VAL B 27 -12.93 3.73 -16.84
C VAL B 27 -14.06 4.21 -17.75
N GLU B 28 -14.24 5.51 -17.86
CA GLU B 28 -15.23 6.08 -18.75
C GLU B 28 -14.64 6.31 -20.12
N LYS B 29 -15.42 5.99 -21.16
CA LYS B 29 -15.02 6.27 -22.54
C LYS B 29 -13.70 5.58 -22.78
N GLN B 30 -12.64 6.29 -23.14
CA GLN B 30 -11.36 5.68 -23.48
C GLN B 30 -10.39 5.72 -22.31
N LEU B 31 -9.57 4.69 -22.22
CA LEU B 31 -8.53 4.58 -21.20
C LEU B 31 -7.34 5.46 -21.56
N ASP B 32 -6.80 6.18 -20.58
CA ASP B 32 -5.68 7.09 -20.76
C ASP B 32 -4.45 6.46 -20.09
N LEU B 33 -3.67 5.70 -20.87
CA LEU B 33 -2.54 4.98 -20.28
C LEU B 33 -1.58 5.91 -19.54
N ALA B 34 -1.50 7.16 -19.97
CA ALA B 34 -0.59 8.10 -19.34
C ALA B 34 -0.92 8.33 -17.88
N ALA B 35 -2.19 8.22 -17.50
CA ALA B 35 -2.62 8.53 -16.15
C ALA B 35 -2.75 7.31 -15.26
N LEU B 36 -2.42 6.13 -15.74
CA LEU B 36 -2.70 4.89 -15.02
C LEU B 36 -1.44 4.36 -14.35
N ILE B 37 -1.52 4.11 -13.06
CA ILE B 37 -0.47 3.42 -12.33
C ILE B 37 -1.12 2.27 -11.59
N VAL B 38 -0.64 1.06 -11.83
CA VAL B 38 -1.11 -0.14 -11.15
C VAL B 38 0.06 -0.75 -10.39
N TYR B 39 -0.16 -1.02 -9.11
CA TYR B 39 0.82 -1.72 -8.29
C TYR B 39 0.17 -2.97 -7.73
N TRP B 40 0.86 -4.10 -7.85
CA TRP B 40 0.50 -5.34 -7.16
C TRP B 40 1.60 -5.65 -6.17
N GLU B 41 1.24 -5.80 -4.91
CA GLU B 41 2.19 -6.17 -3.88
C GLU B 41 1.61 -7.33 -3.11
N MET B 42 2.47 -8.03 -2.39
CA MET B 42 2.02 -9.18 -1.61
C MET B 42 2.81 -9.15 -0.32
N GLU B 43 2.18 -8.66 0.74
CA GLU B 43 2.80 -8.52 2.05
C GLU B 43 4.18 -7.87 1.95
N ASP B 44 4.17 -6.64 1.42
CA ASP B 44 5.34 -5.78 1.35
C ASP B 44 6.42 -6.37 0.47
N LYS B 45 6.00 -7.14 -0.51
CA LYS B 45 6.83 -7.58 -1.61
C LYS B 45 6.15 -7.10 -2.90
N ASN B 46 6.84 -6.27 -3.66
CA ASN B 46 6.31 -5.80 -4.92
C ASN B 46 6.29 -6.90 -5.97
N ILE B 47 5.14 -7.09 -6.61
CA ILE B 47 4.99 -8.07 -7.68
C ILE B 47 5.10 -7.42 -9.05
N ILE B 48 4.34 -6.35 -9.29
CA ILE B 48 4.44 -5.63 -10.55
C ILE B 48 4.17 -4.16 -10.31
N GLN B 49 4.72 -3.34 -11.20
CA GLN B 49 4.47 -1.92 -11.24
C GLN B 49 4.19 -1.58 -12.69
N PHE B 50 3.01 -1.07 -12.97
CA PHE B 50 2.62 -0.66 -14.30
C PHE B 50 2.54 0.85 -14.27
N VAL B 51 3.47 1.51 -14.95
CA VAL B 51 3.57 2.97 -14.94
C VAL B 51 3.75 3.44 -16.36
N HIS B 52 3.20 4.63 -16.64
CA HIS B 52 3.24 5.14 -18.01
C HIS B 52 2.63 4.09 -18.94
N GLY B 53 3.42 3.49 -19.81
CA GLY B 53 2.79 2.57 -20.72
C GLY B 53 2.96 1.09 -20.46
N GLU B 54 3.99 0.68 -19.74
CA GLU B 54 4.23 -0.76 -19.58
C GLU B 54 4.68 -1.04 -18.16
N GLU B 55 4.63 -2.32 -17.81
CA GLU B 55 5.01 -2.71 -16.47
C GLU B 55 6.52 -2.55 -16.26
N ASP B 56 6.89 -2.14 -15.05
CA ASP B 56 8.27 -1.95 -14.62
C ASP B 56 8.68 -3.09 -13.70
N LEU B 57 9.71 -3.83 -14.08
CA LEU B 57 10.27 -4.93 -13.32
C LEU B 57 11.42 -4.49 -12.42
N LYS B 58 11.83 -3.23 -12.49
CA LYS B 58 13.02 -2.74 -11.82
C LYS B 58 13.06 -3.10 -10.34
N VAL B 59 11.89 -3.21 -9.70
CA VAL B 59 11.80 -3.45 -8.26
C VAL B 59 11.13 -4.78 -7.94
N GLN B 60 10.84 -5.60 -8.93
CA GLN B 60 10.11 -6.85 -8.68
C GLN B 60 10.85 -7.74 -7.70
N HIS B 61 10.11 -8.24 -6.70
CA HIS B 61 10.68 -9.18 -5.75
C HIS B 61 11.06 -10.47 -6.46
N SER B 62 12.26 -10.99 -6.15
CA SER B 62 12.78 -12.11 -6.91
C SER B 62 11.89 -13.33 -6.81
N SER B 63 11.19 -13.51 -5.69
CA SER B 63 10.30 -14.65 -5.51
C SER B 63 9.24 -14.73 -6.60
N TYR B 64 9.02 -13.65 -7.34
CA TYR B 64 8.06 -13.61 -8.44
C TYR B 64 8.74 -13.42 -9.78
N ARG B 65 10.06 -13.49 -9.82
CA ARG B 65 10.78 -13.31 -11.07
C ARG B 65 10.24 -14.29 -12.11
N GLN B 66 9.80 -13.75 -13.25
CA GLN B 66 9.42 -14.56 -14.40
C GLN B 66 8.26 -15.50 -14.10
N ARG B 67 7.38 -15.12 -13.20
CA ARG B 67 6.16 -15.88 -12.95
C ARG B 67 4.94 -15.01 -12.74
N ALA B 68 5.08 -13.68 -12.72
CA ALA B 68 3.96 -12.77 -12.54
C ALA B 68 3.94 -11.77 -13.68
N ARG B 69 2.78 -11.61 -14.31
CA ARG B 69 2.62 -10.66 -15.40
C ARG B 69 1.26 -10.00 -15.29
N LEU B 70 1.17 -8.76 -15.75
CA LEU B 70 -0.08 -8.04 -15.82
C LEU B 70 -0.69 -8.22 -17.20
N LEU B 71 -1.98 -8.53 -17.25
CA LEU B 71 -2.73 -8.73 -18.50
C LEU B 71 -3.12 -7.38 -19.10
N LYS B 72 -2.15 -6.74 -19.76
CA LYS B 72 -2.32 -5.41 -20.32
C LYS B 72 -3.61 -5.27 -21.12
N ASP B 73 -4.06 -6.33 -21.77
CA ASP B 73 -5.21 -6.22 -22.67
C ASP B 73 -6.45 -5.70 -21.94
N GLN B 74 -6.71 -6.21 -20.75
CA GLN B 74 -7.94 -5.86 -20.04
C GLN B 74 -7.90 -4.51 -19.35
N LEU B 75 -6.74 -3.87 -19.26
CA LEU B 75 -6.70 -2.54 -18.65
C LEU B 75 -7.68 -1.60 -19.33
N SER B 76 -7.91 -1.76 -20.63
CA SER B 76 -8.81 -0.86 -21.31
C SER B 76 -10.24 -0.98 -20.79
N LEU B 77 -10.63 -2.19 -20.39
CA LEU B 77 -11.95 -2.43 -19.81
C LEU B 77 -11.99 -2.17 -18.31
N GLY B 78 -11.00 -1.45 -17.77
CA GLY B 78 -10.94 -1.19 -16.35
C GLY B 78 -10.62 -2.41 -15.50
N ASN B 79 -9.87 -3.36 -16.05
CA ASN B 79 -9.53 -4.61 -15.37
C ASN B 79 -8.01 -4.70 -15.22
N ALA B 80 -7.52 -4.57 -14.00
CA ALA B 80 -6.09 -4.76 -13.73
C ALA B 80 -5.98 -6.15 -13.14
N ALA B 81 -5.73 -7.13 -14.00
CA ALA B 81 -5.69 -8.53 -13.59
C ALA B 81 -4.24 -8.95 -13.52
N LEU B 82 -3.88 -9.59 -12.42
CA LEU B 82 -2.54 -10.13 -12.21
C LEU B 82 -2.59 -11.63 -12.40
N GLN B 83 -1.67 -12.16 -13.19
CA GLN B 83 -1.58 -13.60 -13.41
C GLN B 83 -0.28 -14.12 -12.85
N ILE B 84 -0.38 -15.11 -11.97
CA ILE B 84 0.77 -15.85 -11.48
C ILE B 84 0.70 -17.21 -12.14
N THR B 85 1.76 -17.56 -12.87
CA THR B 85 1.89 -18.89 -13.43
C THR B 85 2.67 -19.75 -12.45
N ASP B 86 2.34 -21.04 -12.41
CA ASP B 86 3.03 -22.00 -11.55
C ASP B 86 2.92 -21.58 -10.07
N VAL B 87 1.68 -21.58 -9.59
CA VAL B 87 1.42 -21.13 -8.22
C VAL B 87 2.17 -22.03 -7.24
N LYS B 88 2.79 -21.41 -6.26
CA LYS B 88 3.53 -22.10 -5.22
C LYS B 88 2.94 -21.75 -3.86
N LEU B 89 3.24 -22.59 -2.86
CA LEU B 89 2.71 -22.35 -1.52
C LEU B 89 3.06 -20.97 -0.97
N GLN B 90 4.26 -20.45 -1.29
CA GLN B 90 4.67 -19.13 -0.81
C GLN B 90 3.84 -17.99 -1.39
N ASP B 91 3.04 -18.25 -2.42
CA ASP B 91 2.14 -17.26 -3.01
C ASP B 91 0.86 -17.10 -2.22
N ALA B 92 0.66 -17.93 -1.20
CA ALA B 92 -0.44 -17.72 -0.28
C ALA B 92 -0.19 -16.45 0.53
N GLY B 93 -1.23 -15.69 0.75
CA GLY B 93 -1.10 -14.50 1.54
C GLY B 93 -2.08 -13.46 1.07
N VAL B 94 -1.84 -12.23 1.51
CA VAL B 94 -2.72 -11.10 1.25
C VAL B 94 -2.08 -10.27 0.16
N TYR B 95 -2.80 -10.13 -0.95
CA TYR B 95 -2.35 -9.31 -2.05
C TYR B 95 -3.01 -7.94 -1.99
N ARG B 96 -2.34 -6.96 -2.58
CA ARG B 96 -2.83 -5.59 -2.62
C ARG B 96 -2.75 -5.13 -4.05
N CYS B 97 -3.87 -4.69 -4.55
CA CYS B 97 -3.97 -4.09 -5.87
C CYS B 97 -4.15 -2.60 -5.65
N MET B 98 -3.11 -1.82 -5.96
CA MET B 98 -3.12 -0.37 -5.77
C MET B 98 -3.18 0.31 -7.12
N ILE B 99 -4.18 1.15 -7.31
CA ILE B 99 -4.41 1.77 -8.60
C ILE B 99 -4.57 3.26 -8.43
N SER B 100 -3.96 4.01 -9.34
CA SER B 100 -4.12 5.46 -9.40
C SER B 100 -4.48 5.83 -10.84
N TYR B 101 -5.74 6.18 -11.05
CA TYR B 101 -6.28 6.59 -12.35
C TYR B 101 -7.28 7.70 -12.03
N GLY B 102 -6.77 8.92 -11.90
CA GLY B 102 -7.58 10.03 -11.44
C GLY B 102 -7.58 10.03 -9.94
N GLY B 103 -8.44 9.23 -9.31
CA GLY B 103 -8.37 9.00 -7.88
C GLY B 103 -7.39 7.89 -7.60
N ALA B 104 -7.37 7.45 -6.34
CA ALA B 104 -6.46 6.39 -5.94
C ALA B 104 -7.14 5.54 -4.89
N ASP B 105 -6.96 4.23 -5.02
CA ASP B 105 -7.56 3.28 -4.11
C ASP B 105 -6.79 1.97 -4.19
N TYR B 106 -7.11 1.09 -3.26
CA TYR B 106 -6.49 -0.22 -3.26
C TYR B 106 -7.44 -1.18 -2.61
N LYS B 107 -7.29 -2.46 -2.95
CA LYS B 107 -8.07 -3.53 -2.33
C LYS B 107 -7.13 -4.65 -1.96
N ARG B 108 -7.52 -5.38 -0.94
CA ARG B 108 -6.79 -6.54 -0.48
C ARG B 108 -7.52 -7.77 -0.99
N ILE B 109 -6.75 -8.75 -1.47
CA ILE B 109 -7.25 -10.05 -1.88
C ILE B 109 -6.45 -11.12 -1.14
N THR B 110 -7.13 -12.12 -0.60
CA THR B 110 -6.45 -13.20 0.12
C THR B 110 -6.37 -14.43 -0.77
N VAL B 111 -5.21 -15.09 -0.77
CA VAL B 111 -4.99 -16.29 -1.57
C VAL B 111 -4.58 -17.44 -0.67
N LYS B 112 -5.26 -18.57 -0.80
CA LYS B 112 -4.95 -19.80 -0.12
C LYS B 112 -4.41 -20.80 -1.15
N VAL B 113 -3.45 -21.61 -0.74
CA VAL B 113 -2.87 -22.60 -1.63
C VAL B 113 -3.06 -23.99 -1.03
N ASN B 114 -3.86 -24.82 -1.69
CA ASN B 114 -3.92 -26.22 -1.34
C ASN B 114 -2.79 -26.98 -1.99
N ALA B 115 -2.21 -27.92 -1.26
CA ALA B 115 -1.05 -28.60 -1.80
C ALA B 115 -1.05 -30.04 -1.35
N PRO B 116 -0.55 -30.95 -2.18
CA PRO B 116 -0.37 -32.33 -1.74
C PRO B 116 0.80 -32.43 -0.76
N TYR B 117 0.86 -33.57 -0.09
CA TYR B 117 1.86 -33.75 0.97
C TYR B 117 3.28 -33.46 0.47
N ALA B 118 3.64 -34.01 -0.69
CA ALA B 118 5.00 -33.87 -1.21
C ALA B 118 5.41 -32.40 -1.30
N ALA B 119 4.61 -31.60 -2.02
CA ALA B 119 4.92 -30.17 -2.12
C ALA B 119 4.93 -29.50 -0.75
N ALA B 120 3.96 -29.85 0.10
CA ALA B 120 3.97 -29.28 1.44
C ALA B 120 5.23 -29.68 2.19
N LEU B 121 5.66 -30.93 2.04
CA LEU B 121 6.88 -31.39 2.69
C LEU B 121 8.08 -30.57 2.26
N GLU B 122 8.28 -30.44 0.95
CA GLU B 122 9.43 -29.68 0.49
C GLU B 122 9.32 -28.22 0.91
N HIS B 123 8.13 -27.63 0.82
CA HIS B 123 7.97 -26.25 1.27
C HIS B 123 8.28 -26.13 2.75
N HIS B 124 7.89 -27.13 3.55
CA HIS B 124 8.03 -27.03 4.99
C HIS B 124 9.49 -26.96 5.42
N HIS B 125 10.35 -27.75 4.78
CA HIS B 125 11.75 -27.83 5.20
C HIS B 125 12.59 -26.64 4.69
N HIS B 126 12.37 -26.20 3.45
CA HIS B 126 13.14 -25.10 2.87
C HIS B 126 12.33 -23.81 2.79
#